data_1O3T
#
_entry.id   1O3T
#
_cell.length_a   136.990
_cell.length_b   152.800
_cell.length_c   76.060
_cell.angle_alpha   90.00
_cell.angle_beta   90.00
_cell.angle_gamma   90.00
#
_symmetry.space_group_name_H-M   'C 2 2 21'
#
loop_
_entity.id
_entity.type
_entity.pdbx_description
1 polymer "5'-D(*GP*CP*GP*AP*AP*AP*AP*AP*TP*GP*CP*GP*AP*T)-3'"
2 polymer "5'-D(*CP*TP*AP*GP*AP*TP*CP*GP*CP*AP*TP*TP*TP*TP*TP*CP*G)-3'"
3 polymer 'CATABOLITE GENE ACTIVATOR PROTEIN'
4 non-polymer "ADENOSINE-3',5'-CYCLIC-MONOPHOSPHATE"
5 water water
#
loop_
_entity_poly.entity_id
_entity_poly.type
_entity_poly.pdbx_seq_one_letter_code
_entity_poly.pdbx_strand_id
1 'polydeoxyribonucleotide' (DG)(DC)(DG)(DA)(DA)(DA)(DA)(DA)(DT)(DG)(DC)(DG)(DA)(DT) C,F
2 'polydeoxyribonucleotide' (DC)(DT)(DA)(DG)(DA)(DT)(DC)(DG)(DC)(DA)(DT)(DT)(DT)(DT)(DT)(DC)(DG) D,E
3 'polypeptide(L)'
;DPTLEWFLSHCHIHKYPSKSTLIHQGEKAETLYYIVKGSVAVLIKDEEGKEMILSYLNQGDFIGELGLFEEGQERSAWVR
AKTACEVAEISYKKFRQLIQVNPDILMRLSAQMARRLQVTSEKVGNLAFLDVTGRIAQTLLNLAKQPDAMTHPDGMQIKI
TRQEIGQIVGCSRETVGRILKMLEDQNLISAHGKTIVVYG
;
A,B
#
loop_
_chem_comp.id
_chem_comp.type
_chem_comp.name
_chem_comp.formula
CMP non-polymer ADENOSINE-3',5'-CYCLIC-MONOPHOSPHATE 'C10 H12 N5 O6 P'
DA DNA linking 2'-DEOXYADENOSINE-5'-MONOPHOSPHATE 'C10 H14 N5 O6 P'
DC DNA linking 2'-DEOXYCYTIDINE-5'-MONOPHOSPHATE 'C9 H14 N3 O7 P'
DG DNA linking 2'-DEOXYGUANOSINE-5'-MONOPHOSPHATE 'C10 H14 N5 O7 P'
DT DNA linking THYMIDINE-5'-MONOPHOSPHATE 'C10 H15 N2 O8 P'
#
# COMPACT_ATOMS: atom_id res chain seq x y z
N PRO E 2 10.99 21.43 -16.90
CA PRO E 2 11.30 22.66 -16.14
C PRO E 2 12.08 22.37 -14.85
N THR E 3 11.36 22.25 -13.73
CA THR E 3 12.00 21.93 -12.46
C THR E 3 12.48 20.46 -12.52
N LEU E 4 12.39 19.89 -13.71
CA LEU E 4 12.81 18.51 -13.94
C LEU E 4 13.96 18.37 -14.95
N GLU E 5 14.02 19.26 -15.93
CA GLU E 5 15.14 19.19 -16.87
C GLU E 5 16.37 19.31 -15.97
N TRP E 6 16.19 20.10 -14.91
CA TRP E 6 17.20 20.33 -13.91
C TRP E 6 17.36 18.98 -13.24
N PHE E 7 16.23 18.39 -12.84
CA PHE E 7 16.30 17.08 -12.22
C PHE E 7 17.01 16.03 -13.09
N LEU E 8 16.80 16.07 -14.41
CA LEU E 8 17.46 15.07 -15.25
C LEU E 8 18.92 15.46 -15.48
N SER E 9 19.20 16.76 -15.32
CA SER E 9 20.54 17.32 -15.48
C SER E 9 21.62 16.37 -14.98
N HIS E 10 21.46 15.89 -13.75
CA HIS E 10 22.38 14.94 -13.15
C HIS E 10 21.58 13.66 -13.05
N CYS E 11 21.66 12.82 -14.08
CA CYS E 11 20.88 11.59 -14.07
C CYS E 11 21.20 10.59 -15.18
N HIS E 12 22.35 9.92 -15.09
CA HIS E 12 22.73 8.92 -16.06
C HIS E 12 21.44 8.23 -16.52
N ILE E 13 21.28 7.99 -17.82
CA ILE E 13 20.05 7.38 -18.32
C ILE E 13 20.30 6.14 -19.19
N HIS E 14 19.53 5.08 -18.98
CA HIS E 14 19.71 3.82 -19.71
C HIS E 14 18.49 3.34 -20.51
N LYS E 15 18.72 2.57 -21.57
CA LYS E 15 17.65 2.01 -22.40
C LYS E 15 17.49 0.51 -22.09
N TYR E 16 16.43 0.10 -21.41
CA TYR E 16 16.31 -1.32 -21.16
C TYR E 16 15.34 -1.97 -22.11
N PRO E 17 15.66 -3.19 -22.55
CA PRO E 17 14.89 -4.02 -23.46
C PRO E 17 13.77 -4.78 -22.80
N SER E 18 12.66 -4.87 -23.51
CA SER E 18 11.48 -5.60 -23.11
C SER E 18 11.84 -6.86 -22.30
N LYS E 19 11.12 -7.10 -21.20
CA LYS E 19 11.31 -8.26 -20.33
C LYS E 19 12.53 -8.27 -19.43
N SER E 20 13.33 -7.21 -19.44
CA SER E 20 14.51 -7.17 -18.58
C SER E 20 14.25 -6.80 -17.09
N THR E 21 14.95 -7.49 -16.21
CA THR E 21 14.80 -7.22 -14.80
C THR E 21 15.49 -5.92 -14.47
N LEU E 22 14.73 -4.87 -14.17
CA LEU E 22 15.35 -3.61 -13.77
C LEU E 22 15.76 -3.77 -12.34
N ILE E 23 14.93 -4.42 -11.53
CA ILE E 23 15.24 -4.58 -10.11
C ILE E 23 14.91 -5.92 -9.46
N HIS E 24 15.82 -6.42 -8.63
CA HIS E 24 15.63 -7.68 -7.91
C HIS E 24 15.01 -7.47 -6.51
N GLN E 25 13.96 -8.20 -6.18
CA GLN E 25 13.39 -8.06 -4.83
C GLN E 25 14.37 -8.72 -3.89
N GLY E 26 14.92 -7.94 -2.98
CA GLY E 26 15.88 -8.53 -2.06
C GLY E 26 17.14 -7.72 -2.07
N GLU E 27 17.77 -7.62 -3.23
CA GLU E 27 19.01 -6.86 -3.43
C GLU E 27 19.07 -5.57 -2.61
N LYS E 28 20.29 -5.19 -2.26
CA LYS E 28 20.54 -3.97 -1.50
C LYS E 28 20.15 -2.74 -2.32
N ALA E 29 19.36 -1.85 -1.73
CA ALA E 29 18.90 -0.64 -2.41
C ALA E 29 19.72 0.60 -2.07
N GLU E 30 20.06 1.37 -3.12
CA GLU E 30 20.84 2.59 -2.98
C GLU E 30 20.70 3.56 -4.17
N THR E 31 19.86 3.22 -5.15
CA THR E 31 19.71 4.13 -6.30
C THR E 31 18.27 4.42 -6.72
N LEU E 32 17.99 5.67 -7.04
CA LEU E 32 16.65 6.00 -7.48
C LEU E 32 16.58 5.86 -9.00
N TYR E 33 15.37 5.83 -9.54
CA TYR E 33 15.12 5.72 -10.98
C TYR E 33 13.93 6.61 -11.36
N TYR E 34 13.87 6.97 -12.63
CA TYR E 34 12.78 7.80 -13.13
C TYR E 34 12.60 7.36 -14.57
N ILE E 35 11.40 6.90 -14.91
CA ILE E 35 11.13 6.42 -16.24
C ILE E 35 10.69 7.50 -17.19
N VAL E 36 11.54 7.84 -18.16
CA VAL E 36 11.23 8.87 -19.12
C VAL E 36 10.59 8.34 -20.40
N LYS E 37 10.33 7.04 -20.46
CA LYS E 37 9.72 6.43 -21.63
C LYS E 37 9.44 4.92 -21.45
N GLY E 38 8.30 4.46 -21.97
CA GLY E 38 7.93 3.06 -21.85
C GLY E 38 7.28 2.71 -20.53
N SER E 39 7.22 1.43 -20.19
CA SER E 39 6.59 1.04 -18.93
C SER E 39 6.97 -0.35 -18.40
N VAL E 40 6.98 -0.43 -17.06
CA VAL E 40 7.33 -1.63 -16.31
C VAL E 40 6.16 -2.25 -15.54
N ALA E 41 6.48 -3.15 -14.63
CA ALA E 41 5.47 -3.84 -13.86
C ALA E 41 6.21 -4.22 -12.61
N VAL E 42 5.58 -3.98 -11.47
CA VAL E 42 6.13 -4.24 -10.16
C VAL E 42 5.51 -5.54 -9.69
N LEU E 43 6.31 -6.53 -9.36
CA LEU E 43 5.71 -7.79 -8.92
C LEU E 43 6.44 -8.47 -7.82
N ILE E 44 5.70 -9.19 -6.96
CA ILE E 44 6.27 -9.95 -5.84
C ILE E 44 6.04 -11.41 -6.16
N LYS E 45 6.86 -12.26 -5.58
CA LYS E 45 6.75 -13.68 -5.81
C LYS E 45 7.17 -14.48 -4.59
N ASP E 46 6.36 -15.47 -4.24
CA ASP E 46 6.62 -16.31 -3.07
C ASP E 46 7.35 -17.59 -3.45
N GLU E 47 8.15 -18.07 -2.52
CA GLU E 47 8.97 -19.25 -2.67
C GLU E 47 8.47 -20.49 -3.46
N GLU E 48 7.23 -20.92 -3.29
CA GLU E 48 6.75 -22.08 -4.06
C GLU E 48 6.69 -21.71 -5.55
N GLY E 49 6.92 -20.44 -5.86
CA GLY E 49 6.92 -19.99 -7.24
C GLY E 49 5.80 -19.09 -7.76
N LYS E 50 4.81 -18.78 -6.94
CA LYS E 50 3.73 -17.93 -7.42
C LYS E 50 4.20 -16.49 -7.50
N GLU E 51 3.49 -15.68 -8.28
CA GLU E 51 3.84 -14.29 -8.46
C GLU E 51 2.59 -13.44 -8.34
N MET E 52 2.72 -12.13 -8.22
CA MET E 52 1.57 -11.23 -8.15
C MET E 52 2.04 -9.94 -8.88
N ILE E 53 1.12 -9.11 -9.35
CA ILE E 53 1.50 -7.87 -10.01
C ILE E 53 0.98 -6.78 -9.08
N LEU E 54 1.83 -6.12 -8.30
CA LEU E 54 1.30 -5.07 -7.44
C LEU E 54 0.86 -3.90 -8.34
N SER E 55 1.45 -3.81 -9.54
CA SER E 55 1.10 -2.77 -10.51
C SER E 55 1.96 -2.66 -11.72
N TYR E 56 1.49 -1.83 -12.63
CA TYR E 56 2.15 -1.53 -13.88
C TYR E 56 2.53 -0.08 -13.74
N LEU E 57 3.74 0.25 -14.19
CA LEU E 57 4.24 1.63 -14.11
C LEU E 57 4.54 2.24 -15.46
N ASN E 58 4.02 3.42 -15.70
CA ASN E 58 4.23 4.07 -16.97
C ASN E 58 5.16 5.27 -16.87
N GLN E 59 5.13 6.04 -17.96
CA GLN E 59 5.90 7.26 -18.18
C GLN E 59 5.65 8.27 -17.07
N GLY E 60 6.70 8.96 -16.63
CA GLY E 60 6.50 9.94 -15.58
C GLY E 60 6.60 9.32 -14.20
N ASP E 61 6.47 8.00 -14.12
CA ASP E 61 6.56 7.29 -12.83
C ASP E 61 7.98 7.21 -12.31
N PHE E 62 8.10 7.10 -11.00
CA PHE E 62 9.40 6.95 -10.37
C PHE E 62 9.38 5.49 -9.98
N ILE E 63 10.53 4.86 -9.76
CA ILE E 63 10.57 3.46 -9.34
C ILE E 63 11.67 3.23 -8.32
N GLY E 64 11.62 2.12 -7.60
CA GLY E 64 12.64 1.86 -6.59
C GLY E 64 12.96 3.01 -5.63
N GLU E 65 11.95 3.76 -5.21
CA GLU E 65 12.12 4.88 -4.28
C GLU E 65 11.65 4.66 -2.83
N LEU E 66 11.59 3.41 -2.36
CA LEU E 66 11.10 3.16 -1.01
C LEU E 66 12.19 2.90 0.02
N GLY E 67 13.43 2.96 -0.47
CA GLY E 67 14.60 2.80 0.36
C GLY E 67 15.23 4.16 0.52
N LEU E 68 14.68 5.14 -0.19
CA LEU E 68 15.13 6.54 -0.20
C LEU E 68 15.07 7.30 1.12
N PHE E 69 14.55 6.70 2.17
CA PHE E 69 14.44 7.43 3.41
C PHE E 69 15.22 6.86 4.59
N GLU E 70 15.66 5.61 4.46
CA GLU E 70 16.41 4.94 5.50
C GLU E 70 17.60 4.23 4.87
N GLU E 71 18.77 4.40 5.47
CA GLU E 71 19.99 3.80 4.95
C GLU E 71 20.07 2.29 5.21
N GLY E 72 20.07 1.50 4.14
CA GLY E 72 20.20 0.07 4.33
C GLY E 72 19.03 -0.87 4.05
N GLN E 73 18.04 -0.41 3.30
CA GLN E 73 16.89 -1.24 2.98
C GLN E 73 17.24 -2.15 1.82
N GLU E 74 16.31 -3.04 1.52
CA GLU E 74 16.46 -3.97 0.41
C GLU E 74 15.38 -3.56 -0.57
N ARG E 75 15.55 -3.90 -1.83
CA ARG E 75 14.53 -3.56 -2.81
C ARG E 75 13.35 -4.49 -2.51
N SER E 76 12.17 -3.91 -2.32
CA SER E 76 10.99 -4.68 -1.96
C SER E 76 10.24 -5.49 -3.02
N ALA E 77 10.64 -5.44 -4.28
CA ALA E 77 9.96 -6.22 -5.29
C ALA E 77 10.63 -6.13 -6.65
N TRP E 78 10.41 -7.15 -7.47
CA TRP E 78 10.98 -7.17 -8.82
C TRP E 78 10.28 -6.12 -9.66
N VAL E 79 11.01 -5.58 -10.64
CA VAL E 79 10.47 -4.58 -11.53
C VAL E 79 11.09 -4.95 -12.83
N ARG E 80 10.26 -5.26 -13.80
CA ARG E 80 10.68 -5.72 -15.10
C ARG E 80 10.02 -4.97 -16.27
N ALA E 81 10.81 -4.33 -17.12
CA ALA E 81 10.25 -3.57 -18.21
C ALA E 81 9.24 -4.38 -19.02
N LYS E 82 8.06 -3.82 -19.24
CA LYS E 82 7.00 -4.50 -19.99
C LYS E 82 7.19 -4.28 -21.49
N THR E 83 8.02 -3.30 -21.80
CA THR E 83 8.31 -2.87 -23.16
C THR E 83 9.75 -2.41 -23.04
N ALA E 84 10.19 -1.61 -23.99
CA ALA E 84 11.56 -1.08 -23.94
C ALA E 84 11.44 0.29 -23.24
N CYS E 85 12.20 0.51 -22.19
CA CYS E 85 12.09 1.77 -21.44
C CYS E 85 13.30 2.63 -21.53
N GLU E 86 13.14 3.87 -21.11
CA GLU E 86 14.25 4.77 -21.06
C GLU E 86 14.17 5.08 -19.58
N VAL E 87 15.23 4.82 -18.83
CA VAL E 87 15.19 5.08 -17.40
C VAL E 87 16.37 5.90 -16.92
N ALA E 88 16.09 6.93 -16.14
CA ALA E 88 17.13 7.79 -15.64
C ALA E 88 17.41 7.45 -14.17
N GLU E 89 18.69 7.51 -13.76
CA GLU E 89 19.05 7.21 -12.39
C GLU E 89 19.97 8.29 -11.82
N ILE E 90 19.97 8.44 -10.49
CA ILE E 90 20.84 9.44 -9.89
C ILE E 90 21.76 8.85 -8.85
N SER E 91 21.15 8.24 -7.84
CA SER E 91 21.85 7.62 -6.69
C SER E 91 21.30 8.30 -5.45
N TYR E 92 20.88 7.53 -4.46
CA TYR E 92 20.29 8.12 -3.27
C TYR E 92 21.01 9.36 -2.77
N LYS E 93 22.22 9.18 -2.25
CA LYS E 93 23.03 10.29 -1.73
C LYS E 93 22.86 11.50 -2.62
N LYS E 94 22.96 11.30 -3.92
CA LYS E 94 22.82 12.44 -4.83
C LYS E 94 21.47 13.11 -4.70
N PHE E 95 20.40 12.32 -4.76
CA PHE E 95 19.05 12.86 -4.66
C PHE E 95 18.83 13.73 -3.44
N ARG E 96 19.25 13.24 -2.28
CA ARG E 96 19.09 13.97 -1.04
C ARG E 96 19.60 15.38 -1.17
N GLN E 97 20.61 15.59 -2.01
CA GLN E 97 21.15 16.93 -2.22
C GLN E 97 20.26 17.73 -3.16
N LEU E 98 19.74 17.07 -4.18
CA LEU E 98 18.86 17.77 -5.10
C LEU E 98 17.58 18.22 -4.38
N ILE E 99 17.45 17.79 -3.13
CA ILE E 99 16.30 18.12 -2.30
C ILE E 99 16.55 19.40 -1.53
N GLN E 100 17.54 19.39 -0.64
CA GLN E 100 17.88 20.57 0.14
C GLN E 100 17.83 21.79 -0.77
N VAL E 101 18.55 21.71 -1.88
CA VAL E 101 18.64 22.81 -2.84
C VAL E 101 17.35 23.12 -3.61
N ASN E 102 16.45 22.15 -3.71
CA ASN E 102 15.16 22.35 -4.39
C ASN E 102 14.18 21.27 -3.98
N PRO E 103 13.64 21.36 -2.74
CA PRO E 103 12.68 20.45 -2.11
C PRO E 103 11.39 20.16 -2.87
N ASP E 104 11.22 20.80 -4.03
CA ASP E 104 10.03 20.58 -4.84
C ASP E 104 10.07 19.18 -5.46
N ILE E 105 11.17 18.84 -6.12
CA ILE E 105 11.35 17.53 -6.74
C ILE E 105 11.13 16.44 -5.68
N LEU E 106 11.03 16.84 -4.41
CA LEU E 106 10.80 15.87 -3.35
C LEU E 106 9.31 15.80 -3.11
N MET E 107 8.58 16.72 -3.74
CA MET E 107 7.13 16.71 -3.61
C MET E 107 6.58 15.73 -4.62
N ARG E 108 6.54 16.12 -5.90
CA ARG E 108 6.01 15.28 -6.98
C ARG E 108 6.06 13.81 -6.63
N LEU E 109 7.24 13.35 -6.25
CA LEU E 109 7.46 11.95 -5.85
C LEU E 109 6.46 11.50 -4.75
N SER E 110 6.60 12.07 -3.57
CA SER E 110 5.73 11.78 -2.44
C SER E 110 4.23 11.91 -2.72
N ALA E 111 3.86 12.58 -3.80
CA ALA E 111 2.44 12.71 -4.12
C ALA E 111 2.10 11.52 -4.99
N GLN E 112 3.15 10.83 -5.44
CA GLN E 112 3.03 9.62 -6.25
C GLN E 112 2.74 8.48 -5.30
N MET E 113 3.66 8.28 -4.37
CA MET E 113 3.50 7.23 -3.39
C MET E 113 2.12 7.50 -2.79
N ALA E 114 1.82 8.78 -2.61
CA ALA E 114 0.54 9.18 -2.05
C ALA E 114 -0.46 8.20 -2.59
N ARG E 115 -0.71 8.35 -3.88
CA ARG E 115 -1.61 7.54 -4.68
C ARG E 115 -1.29 6.07 -4.55
N ARG E 116 -0.04 5.70 -4.84
CA ARG E 116 0.37 4.30 -4.78
C ARG E 116 -0.09 3.62 -3.49
N LEU E 117 -0.08 4.36 -2.39
CA LEU E 117 -0.51 3.81 -1.14
C LEU E 117 -2.03 3.69 -1.15
N GLN E 118 -2.71 4.74 -1.54
CA GLN E 118 -4.14 4.66 -1.58
C GLN E 118 -4.55 3.44 -2.42
N VAL E 119 -3.89 3.27 -3.57
CA VAL E 119 -4.16 2.19 -4.52
C VAL E 119 -3.85 0.76 -4.04
N THR E 120 -2.60 0.53 -3.68
CA THR E 120 -2.20 -0.78 -3.22
C THR E 120 -3.04 -1.14 -2.01
N SER E 121 -3.60 -0.11 -1.43
CA SER E 121 -4.38 -0.29 -0.23
C SER E 121 -5.64 -0.98 -0.65
N GLU E 122 -6.22 -0.50 -1.74
CA GLU E 122 -7.44 -1.06 -2.27
C GLU E 122 -7.18 -2.50 -2.77
N LYS E 123 -5.96 -2.80 -3.20
CA LYS E 123 -5.68 -4.16 -3.66
C LYS E 123 -6.06 -5.05 -2.51
N VAL E 124 -5.55 -4.73 -1.33
CA VAL E 124 -5.82 -5.49 -0.12
C VAL E 124 -7.32 -5.68 0.12
N GLY E 125 -8.10 -4.65 -0.20
CA GLY E 125 -9.53 -4.70 0.02
C GLY E 125 -10.38 -5.42 -1.01
N ASN E 126 -9.89 -5.52 -2.24
CA ASN E 126 -10.61 -6.23 -3.27
C ASN E 126 -10.34 -7.70 -3.06
N LEU E 127 -9.19 -7.96 -2.46
CA LEU E 127 -8.74 -9.31 -2.24
C LEU E 127 -9.41 -10.04 -1.10
N ALA E 128 -9.62 -9.35 0.01
CA ALA E 128 -10.23 -10.00 1.16
C ALA E 128 -11.71 -9.86 1.11
N PHE E 129 -12.18 -8.92 0.32
CA PHE E 129 -13.60 -8.69 0.24
C PHE E 129 -14.34 -9.31 -0.94
N LEU E 130 -13.70 -9.28 -2.10
CA LEU E 130 -14.33 -9.78 -3.31
C LEU E 130 -13.91 -11.16 -3.70
N ASP E 131 -14.75 -11.77 -4.53
CA ASP E 131 -14.55 -13.10 -5.08
C ASP E 131 -13.80 -12.93 -6.40
N VAL E 132 -13.13 -14.00 -6.83
CA VAL E 132 -12.37 -13.96 -8.06
C VAL E 132 -13.14 -13.23 -9.14
N THR E 133 -14.44 -13.46 -9.22
CA THR E 133 -15.20 -12.76 -10.20
C THR E 133 -15.02 -11.29 -9.90
N GLY E 134 -15.73 -10.80 -8.89
CA GLY E 134 -15.64 -9.40 -8.54
C GLY E 134 -14.29 -8.78 -8.84
N ARG E 135 -13.23 -9.53 -8.55
CA ARG E 135 -11.86 -9.05 -8.78
C ARG E 135 -11.40 -9.06 -10.23
N ILE E 136 -12.24 -9.58 -11.11
CA ILE E 136 -11.89 -9.62 -12.52
C ILE E 136 -12.67 -8.47 -13.12
N ALA E 137 -13.90 -8.33 -12.67
CA ALA E 137 -14.74 -7.26 -13.11
C ALA E 137 -14.02 -5.96 -12.73
N GLN E 138 -13.51 -5.90 -11.51
CA GLN E 138 -12.80 -4.71 -11.08
C GLN E 138 -11.45 -4.55 -11.77
N THR E 139 -10.91 -5.66 -12.28
CA THR E 139 -9.63 -5.66 -12.98
C THR E 139 -9.77 -5.25 -14.43
N LEU E 140 -10.87 -5.63 -15.06
CA LEU E 140 -11.10 -5.29 -16.45
C LEU E 140 -11.19 -3.80 -16.64
N LEU E 141 -12.01 -3.17 -15.80
CA LEU E 141 -12.19 -1.74 -15.84
C LEU E 141 -10.88 -1.06 -15.44
N ASN E 142 -10.23 -1.59 -14.41
CA ASN E 142 -8.97 -1.02 -13.94
C ASN E 142 -8.04 -0.77 -15.13
N LEU E 143 -7.92 -1.78 -15.98
CA LEU E 143 -7.07 -1.71 -17.17
C LEU E 143 -7.71 -0.92 -18.30
N ALA E 144 -8.99 -1.20 -18.54
CA ALA E 144 -9.73 -0.55 -19.61
C ALA E 144 -9.48 0.95 -19.67
N LYS E 145 -8.87 1.50 -18.63
CA LYS E 145 -8.61 2.94 -18.59
C LYS E 145 -7.21 3.36 -18.12
N GLN E 146 -6.18 2.89 -18.84
CA GLN E 146 -4.80 3.24 -18.53
C GLN E 146 -4.15 3.62 -19.86
N PRO E 147 -2.97 4.25 -19.82
CA PRO E 147 -2.23 4.66 -21.02
C PRO E 147 -1.95 3.52 -21.97
N ASP E 148 -2.98 3.04 -22.67
CA ASP E 148 -2.82 1.95 -23.63
C ASP E 148 -4.13 1.27 -24.00
N ALA E 149 -5.25 1.91 -23.69
CA ALA E 149 -6.56 1.34 -24.01
C ALA E 149 -7.19 1.91 -25.29
N MET E 150 -6.78 1.36 -26.44
CA MET E 150 -7.31 1.83 -27.74
C MET E 150 -8.84 1.93 -27.70
N THR E 151 -9.38 2.97 -28.32
CA THR E 151 -10.82 3.17 -28.34
C THR E 151 -11.50 2.32 -29.39
N HIS E 152 -12.48 1.56 -28.95
CA HIS E 152 -13.26 0.69 -29.81
C HIS E 152 -14.56 1.48 -29.95
N PRO E 153 -15.28 1.36 -31.08
CA PRO E 153 -16.51 2.14 -31.18
C PRO E 153 -17.28 2.19 -29.86
N ASP E 154 -17.35 1.04 -29.18
CA ASP E 154 -18.04 0.94 -27.90
C ASP E 154 -17.11 0.49 -26.77
N GLY E 155 -16.81 1.41 -25.85
CA GLY E 155 -15.90 1.10 -24.75
C GLY E 155 -14.44 1.22 -25.24
N MET E 156 -13.70 0.11 -25.21
CA MET E 156 -12.30 0.10 -25.68
C MET E 156 -11.64 -1.27 -25.66
N GLN E 157 -10.50 -1.35 -26.34
CA GLN E 157 -9.76 -2.59 -26.50
C GLN E 157 -8.50 -2.83 -25.68
N ILE E 158 -8.64 -3.44 -24.51
CA ILE E 158 -7.49 -3.77 -23.69
C ILE E 158 -6.83 -4.97 -24.37
N LYS E 159 -5.54 -5.20 -24.08
CA LYS E 159 -4.77 -6.33 -24.65
C LYS E 159 -4.09 -7.12 -23.52
N ILE E 160 -4.65 -8.25 -23.12
CA ILE E 160 -4.03 -8.99 -22.02
C ILE E 160 -4.20 -10.52 -22.10
N THR E 161 -3.34 -11.26 -21.41
CA THR E 161 -3.43 -12.71 -21.39
C THR E 161 -4.08 -13.10 -20.09
N ARG E 162 -4.79 -14.24 -20.12
CA ARG E 162 -5.49 -14.76 -18.96
C ARG E 162 -4.55 -15.01 -17.76
N GLN E 163 -3.26 -15.15 -18.03
CA GLN E 163 -2.29 -15.39 -16.98
C GLN E 163 -1.88 -14.09 -16.30
N GLU E 164 -1.85 -12.97 -17.04
CA GLU E 164 -1.52 -11.69 -16.40
C GLU E 164 -2.63 -11.46 -15.39
N ILE E 165 -3.88 -11.58 -15.85
CA ILE E 165 -5.08 -11.40 -15.02
C ILE E 165 -4.85 -12.14 -13.71
N GLY E 166 -4.68 -13.46 -13.81
CA GLY E 166 -4.45 -14.26 -12.62
C GLY E 166 -3.44 -13.64 -11.66
N GLN E 167 -2.29 -13.22 -12.19
CA GLN E 167 -1.22 -12.61 -11.41
C GLN E 167 -1.72 -11.36 -10.71
N ILE E 168 -2.65 -10.67 -11.36
CA ILE E 168 -3.24 -9.44 -10.84
C ILE E 168 -4.40 -9.72 -9.89
N VAL E 169 -5.01 -10.87 -10.08
CA VAL E 169 -6.16 -11.26 -9.29
C VAL E 169 -5.76 -12.15 -8.14
N GLY E 170 -4.98 -13.18 -8.43
CA GLY E 170 -4.53 -14.06 -7.37
C GLY E 170 -5.00 -15.48 -7.60
N CYS E 171 -5.96 -15.64 -8.50
CA CYS E 171 -6.44 -16.97 -8.80
C CYS E 171 -5.69 -17.56 -9.97
N SER E 172 -6.21 -18.69 -10.45
CA SER E 172 -5.56 -19.42 -11.54
C SER E 172 -5.86 -19.06 -12.98
N ARG E 173 -4.93 -19.52 -13.80
CA ARG E 173 -4.94 -19.41 -15.25
C ARG E 173 -6.30 -19.96 -15.67
N GLU E 174 -6.64 -21.13 -15.14
CA GLU E 174 -7.93 -21.75 -15.46
C GLU E 174 -9.04 -20.83 -14.96
N THR E 175 -9.42 -21.00 -13.69
CA THR E 175 -10.49 -20.22 -13.06
C THR E 175 -10.70 -18.81 -13.64
N VAL E 176 -9.64 -18.21 -14.18
CA VAL E 176 -9.75 -16.89 -14.79
C VAL E 176 -10.69 -17.02 -16.00
N GLY E 177 -10.23 -17.76 -17.01
CA GLY E 177 -11.03 -17.95 -18.21
C GLY E 177 -12.35 -18.59 -17.89
N ARG E 178 -12.28 -19.70 -17.16
CA ARG E 178 -13.50 -20.40 -16.79
C ARG E 178 -14.44 -19.36 -16.21
N ILE E 179 -13.85 -18.29 -15.67
CA ILE E 179 -14.61 -17.19 -15.08
C ILE E 179 -14.81 -16.03 -16.04
N LEU E 180 -14.11 -16.07 -17.16
CA LEU E 180 -14.21 -15.01 -18.16
C LEU E 180 -15.21 -15.38 -19.25
N LYS E 181 -15.35 -16.69 -19.50
CA LYS E 181 -16.27 -17.22 -20.53
C LYS E 181 -17.65 -16.65 -20.27
N MET E 182 -18.17 -17.02 -19.10
CA MET E 182 -19.50 -16.59 -18.68
C MET E 182 -19.62 -15.09 -18.50
N LEU E 183 -18.63 -14.44 -17.89
CA LEU E 183 -18.72 -13.00 -17.74
C LEU E 183 -19.00 -12.45 -19.14
N GLU E 184 -18.59 -13.22 -20.14
CA GLU E 184 -18.79 -12.87 -21.55
C GLU E 184 -20.23 -13.27 -21.91
N ASP E 185 -20.60 -14.50 -21.55
CA ASP E 185 -21.98 -14.99 -21.82
C ASP E 185 -22.96 -14.04 -21.13
N GLN E 186 -22.51 -13.40 -20.06
CA GLN E 186 -23.34 -12.46 -19.30
C GLN E 186 -23.56 -11.28 -20.25
N ASN E 187 -22.73 -11.22 -21.29
CA ASN E 187 -22.79 -10.23 -22.35
C ASN E 187 -22.30 -8.81 -22.05
N LEU E 188 -21.41 -8.67 -21.05
CA LEU E 188 -20.87 -7.36 -20.73
C LEU E 188 -19.61 -7.15 -21.59
N ILE E 189 -18.83 -8.21 -21.80
CA ILE E 189 -17.62 -8.14 -22.62
C ILE E 189 -17.44 -9.43 -23.40
N SER E 190 -16.58 -9.38 -24.41
CA SER E 190 -16.24 -10.54 -25.24
C SER E 190 -14.72 -10.60 -25.29
N ALA E 191 -14.15 -11.79 -25.40
CA ALA E 191 -12.69 -11.92 -25.41
C ALA E 191 -12.04 -12.35 -26.73
N HIS E 192 -11.45 -13.55 -26.75
CA HIS E 192 -10.77 -14.11 -27.92
C HIS E 192 -9.37 -13.49 -28.11
N GLY E 193 -8.39 -14.06 -27.38
CA GLY E 193 -7.01 -13.61 -27.42
C GLY E 193 -6.76 -12.26 -26.75
N LYS E 194 -7.76 -11.39 -26.90
CA LYS E 194 -7.79 -10.03 -26.37
C LYS E 194 -9.22 -9.87 -25.91
N THR E 195 -9.52 -8.80 -25.16
CA THR E 195 -10.87 -8.60 -24.69
C THR E 195 -11.31 -7.18 -24.89
N ILE E 196 -12.63 -7.00 -25.05
CA ILE E 196 -13.25 -5.69 -25.24
C ILE E 196 -14.22 -5.49 -24.09
N VAL E 197 -14.07 -4.37 -23.39
CA VAL E 197 -14.93 -4.04 -22.26
C VAL E 197 -16.24 -3.42 -22.75
N VAL E 198 -17.34 -3.67 -22.05
CA VAL E 198 -18.64 -3.12 -22.40
C VAL E 198 -19.13 -3.53 -23.82
N TYR E 199 -19.61 -4.76 -23.94
CA TYR E 199 -20.12 -5.31 -25.20
C TYR E 199 -19.09 -5.17 -26.32
N GLY E 200 -19.23 -6.03 -27.34
CA GLY E 200 -18.31 -6.00 -28.47
C GLY E 200 -18.98 -6.35 -29.81
N PRO F 2 13.11 18.10 17.70
CA PRO F 2 14.15 18.86 16.96
C PRO F 2 13.49 19.82 15.97
N THR F 3 13.49 19.41 14.70
CA THR F 3 12.90 20.18 13.62
C THR F 3 11.41 19.96 13.79
N LEU F 4 11.04 18.70 13.97
CA LEU F 4 9.66 18.29 14.16
C LEU F 4 9.11 19.04 15.37
N GLU F 5 9.96 19.86 15.99
CA GLU F 5 9.54 20.64 17.13
C GLU F 5 8.78 21.87 16.66
N TRP F 6 9.20 22.42 15.52
CA TRP F 6 8.57 23.61 14.94
C TRP F 6 7.11 23.39 14.58
N PHE F 7 6.82 22.15 14.18
CA PHE F 7 5.49 21.72 13.77
C PHE F 7 4.55 21.59 14.95
N LEU F 8 4.87 20.66 15.83
CA LEU F 8 4.11 20.37 17.05
C LEU F 8 3.42 21.61 17.63
N SER F 9 4.19 22.68 17.75
CA SER F 9 3.69 23.93 18.32
C SER F 9 3.18 24.91 17.24
N HIS F 10 2.79 24.36 16.09
CA HIS F 10 2.26 25.14 14.98
C HIS F 10 0.85 24.57 14.68
N CYS F 11 0.56 23.41 15.30
CA CYS F 11 -0.72 22.71 15.16
C CYS F 11 -1.47 22.76 16.50
N HIS F 12 -2.58 22.02 16.57
CA HIS F 12 -3.41 21.97 17.78
C HIS F 12 -3.39 20.63 18.52
N ILE F 13 -4.09 20.58 19.65
CA ILE F 13 -4.15 19.38 20.45
C ILE F 13 -5.63 19.14 20.70
N HIS F 14 -6.16 18.05 20.18
CA HIS F 14 -7.56 17.75 20.35
C HIS F 14 -7.74 16.59 21.32
N LYS F 15 -8.97 16.33 21.69
CA LYS F 15 -9.23 15.23 22.58
C LYS F 15 -10.25 14.28 21.99
N TYR F 16 -9.84 13.02 21.93
CA TYR F 16 -10.68 11.95 21.45
C TYR F 16 -10.48 10.83 22.45
N PRO F 17 -11.59 10.26 22.96
CA PRO F 17 -11.67 9.16 23.92
C PRO F 17 -11.55 7.79 23.24
N SER F 18 -11.62 6.72 24.05
CA SER F 18 -11.49 5.33 23.58
C SER F 18 -12.62 4.79 22.69
N LYS F 19 -12.58 5.12 21.39
CA LYS F 19 -13.57 4.71 20.37
C LYS F 19 -13.99 5.80 19.39
N SER F 20 -13.71 7.06 19.69
CA SER F 20 -14.08 8.08 18.75
C SER F 20 -13.39 7.81 17.41
N THR F 21 -14.13 8.08 16.34
CA THR F 21 -13.71 7.89 14.96
C THR F 21 -12.92 9.10 14.49
N LEU F 22 -11.62 9.07 14.66
CA LEU F 22 -10.81 10.19 14.27
C LEU F 22 -11.14 10.83 12.95
N ILE F 23 -11.20 10.04 11.89
CA ILE F 23 -11.55 10.58 10.59
C ILE F 23 -12.46 9.55 9.93
N HIS F 24 -13.43 9.99 9.11
CA HIS F 24 -14.38 9.11 8.43
C HIS F 24 -14.18 8.99 6.93
N GLN F 25 -14.50 7.84 6.37
CA GLN F 25 -14.32 7.62 4.94
C GLN F 25 -15.16 8.49 4.07
N GLY F 26 -14.58 8.95 2.96
CA GLY F 26 -15.26 9.79 1.98
C GLY F 26 -15.74 11.18 2.40
N GLU F 27 -14.84 12.03 2.91
CA GLU F 27 -15.21 13.36 3.34
C GLU F 27 -14.18 14.47 3.08
N LYS F 28 -13.88 14.71 1.81
CA LYS F 28 -12.92 15.73 1.41
C LYS F 28 -11.83 15.96 2.45
N ALA F 29 -10.62 15.51 2.16
CA ALA F 29 -9.52 15.68 3.10
C ALA F 29 -8.94 17.09 3.04
N GLU F 30 -8.97 17.81 4.16
CA GLU F 30 -8.40 19.14 4.15
C GLU F 30 -7.67 19.46 5.45
N THR F 31 -7.20 18.41 6.11
CA THR F 31 -6.50 18.52 7.38
C THR F 31 -5.75 17.21 7.73
N LEU F 32 -4.55 17.33 8.29
CA LEU F 32 -3.77 16.14 8.68
C LEU F 32 -3.55 16.09 10.18
N TYR F 33 -3.80 14.93 10.76
CA TYR F 33 -3.66 14.74 12.19
C TYR F 33 -2.26 14.23 12.55
N TYR F 34 -1.87 14.40 13.82
CA TYR F 34 -0.57 13.94 14.29
C TYR F 34 -0.60 13.35 15.70
N ILE F 35 -1.01 12.10 15.80
CA ILE F 35 -1.07 11.38 17.07
C ILE F 35 0.03 11.75 18.08
N VAL F 36 -0.31 12.52 19.10
CA VAL F 36 0.67 12.90 20.11
C VAL F 36 0.87 11.73 21.11
N LYS F 37 -0.23 11.26 21.69
CA LYS F 37 -0.18 10.13 22.61
C LYS F 37 -1.34 9.16 22.38
N GLY F 38 -0.99 7.89 22.19
CA GLY F 38 -2.00 6.87 21.96
C GLY F 38 -1.80 6.09 20.68
N SER F 39 -2.87 5.50 20.19
CA SER F 39 -2.80 4.72 18.97
C SER F 39 -4.14 4.55 18.33
N VAL F 40 -4.25 4.96 17.09
CA VAL F 40 -5.49 4.83 16.35
C VAL F 40 -5.30 3.57 15.53
N ALA F 41 -6.39 3.10 14.92
CA ALA F 41 -6.43 1.91 14.05
C ALA F 41 -7.04 2.37 12.70
N VAL F 42 -6.60 1.82 11.57
CA VAL F 42 -7.10 2.24 10.26
C VAL F 42 -7.98 1.19 9.60
N LEU F 43 -9.23 1.54 9.25
CA LEU F 43 -10.07 0.53 8.61
C LEU F 43 -11.02 0.83 7.47
N ILE F 44 -11.14 -0.14 6.58
CA ILE F 44 -12.04 -0.08 5.44
C ILE F 44 -13.06 -1.16 5.68
N LYS F 45 -14.22 -1.06 5.05
CA LYS F 45 -15.28 -2.03 5.23
C LYS F 45 -15.84 -2.55 3.90
N ASP F 46 -16.67 -3.60 3.98
CA ASP F 46 -17.29 -4.21 2.81
C ASP F 46 -18.80 -4.14 2.90
N GLU F 47 -19.43 -3.84 1.76
CA GLU F 47 -20.89 -3.73 1.63
C GLU F 47 -21.69 -4.32 2.78
N GLU F 48 -21.63 -5.64 2.93
CA GLU F 48 -22.34 -6.33 3.99
C GLU F 48 -22.01 -5.82 5.41
N GLY F 49 -21.13 -4.84 5.50
CA GLY F 49 -20.79 -4.29 6.81
C GLY F 49 -19.44 -4.60 7.47
N LYS F 50 -18.88 -5.81 7.31
CA LYS F 50 -17.62 -6.20 7.94
C LYS F 50 -16.48 -5.24 7.72
N GLU F 51 -15.58 -5.23 8.70
CA GLU F 51 -14.45 -4.36 8.68
C GLU F 51 -13.18 -5.18 8.55
N MET F 52 -12.09 -4.52 8.17
CA MET F 52 -10.77 -5.14 8.07
C MET F 52 -9.86 -4.04 8.55
N ILE F 53 -8.84 -4.43 9.30
CA ILE F 53 -7.93 -3.48 9.88
C ILE F 53 -6.71 -3.40 9.05
N LEU F 54 -6.67 -2.38 8.19
CA LEU F 54 -5.53 -2.19 7.32
C LEU F 54 -4.26 -2.01 8.08
N SER F 55 -4.26 -1.07 9.03
CA SER F 55 -3.07 -0.79 9.85
C SER F 55 -3.41 -0.36 11.30
N TYR F 56 -2.38 -0.17 12.14
CA TYR F 56 -2.49 0.30 13.53
C TYR F 56 -1.45 1.41 13.64
N LEU F 57 -1.86 2.66 13.56
CA LEU F 57 -0.91 3.77 13.68
C LEU F 57 -0.73 4.00 15.16
N ASN F 58 0.32 4.72 15.52
CA ASN F 58 0.60 5.00 16.92
C ASN F 58 1.10 6.42 17.27
N GLN F 59 1.69 6.52 18.46
CA GLN F 59 2.24 7.75 19.01
C GLN F 59 3.32 8.42 18.19
N GLY F 60 2.94 9.36 17.34
CA GLY F 60 3.92 10.06 16.51
C GLY F 60 3.86 9.70 15.04
N ASP F 61 2.71 9.26 14.54
CA ASP F 61 2.52 8.89 13.13
C ASP F 61 1.55 9.86 12.48
N PHE F 62 1.97 10.56 11.44
CA PHE F 62 1.07 11.49 10.77
C PHE F 62 -0.12 10.67 10.33
N ILE F 63 -1.29 11.30 10.21
CA ILE F 63 -2.52 10.60 9.79
C ILE F 63 -3.31 11.42 8.77
N GLY F 64 -3.98 10.74 7.85
CA GLY F 64 -4.76 11.43 6.84
C GLY F 64 -3.89 12.35 5.99
N GLU F 65 -2.84 11.79 5.41
CA GLU F 65 -1.93 12.56 4.58
C GLU F 65 -2.19 12.36 3.11
N LEU F 66 -2.66 11.17 2.78
CA LEU F 66 -2.96 10.74 1.44
C LEU F 66 -3.62 11.75 0.50
N GLY F 67 -3.89 12.96 1.01
CA GLY F 67 -4.54 13.96 0.17
C GLY F 67 -3.94 15.34 0.23
N LEU F 68 -2.96 15.54 1.11
CA LEU F 68 -2.33 16.85 1.24
C LEU F 68 -1.67 17.22 -0.07
N PHE F 69 -1.66 16.29 -1.02
CA PHE F 69 -0.99 16.49 -2.30
C PHE F 69 -1.82 16.82 -3.53
N GLU F 70 -3.13 16.62 -3.48
CA GLU F 70 -3.95 16.94 -4.66
C GLU F 70 -5.37 17.20 -4.27
N GLU F 71 -5.71 18.48 -4.13
CA GLU F 71 -7.06 18.88 -3.73
C GLU F 71 -8.12 18.17 -4.57
N GLY F 72 -9.35 18.14 -4.07
CA GLY F 72 -10.42 17.46 -4.77
C GLY F 72 -10.60 16.04 -4.27
N GLN F 73 -9.78 15.63 -3.30
CA GLN F 73 -9.85 14.27 -2.73
C GLN F 73 -10.62 14.16 -1.44
N GLU F 74 -10.96 12.93 -1.08
CA GLU F 74 -11.68 12.67 0.16
C GLU F 74 -11.27 11.33 0.77
N ARG F 75 -11.38 11.22 2.08
CA ARG F 75 -11.02 10.04 2.84
C ARG F 75 -11.03 8.68 2.11
N SER F 76 -10.29 7.71 2.65
CA SER F 76 -10.17 6.37 2.06
C SER F 76 -10.23 5.28 3.13
N ALA F 77 -10.35 5.69 4.38
CA ALA F 77 -10.41 4.71 5.46
C ALA F 77 -10.85 5.31 6.76
N TRP F 78 -11.42 4.49 7.62
CA TRP F 78 -11.82 4.97 8.92
C TRP F 78 -10.66 4.81 9.88
N VAL F 79 -10.56 5.76 10.80
CA VAL F 79 -9.54 5.72 11.80
C VAL F 79 -10.26 5.95 13.11
N ARG F 80 -10.29 4.94 13.95
CA ARG F 80 -10.93 5.08 15.26
C ARG F 80 -9.89 4.84 16.37
N ALA F 81 -9.80 5.73 17.34
CA ALA F 81 -8.80 5.56 18.38
C ALA F 81 -8.90 4.23 19.12
N LYS F 82 -7.79 3.52 19.21
CA LYS F 82 -7.76 2.26 19.90
C LYS F 82 -7.72 2.53 21.41
N THR F 83 -6.76 3.36 21.82
CA THR F 83 -6.64 3.71 23.23
C THR F 83 -7.08 5.17 23.45
N ALA F 84 -6.41 5.84 24.36
CA ALA F 84 -6.72 7.22 24.65
C ALA F 84 -5.80 8.03 23.75
N CYS F 85 -6.35 8.64 22.70
CA CYS F 85 -5.50 9.39 21.79
C CYS F 85 -5.70 10.89 21.66
N GLU F 86 -4.58 11.61 21.63
CA GLU F 86 -4.54 13.06 21.50
C GLU F 86 -3.96 13.36 20.13
N VAL F 87 -4.74 14.04 19.30
CA VAL F 87 -4.30 14.34 17.95
C VAL F 87 -4.01 15.82 17.67
N ALA F 88 -2.87 16.06 17.02
CA ALA F 88 -2.41 17.40 16.65
C ALA F 88 -2.98 17.83 15.30
N GLU F 89 -4.09 18.56 15.33
CA GLU F 89 -4.78 19.03 14.13
C GLU F 89 -4.15 20.23 13.42
N ILE F 90 -4.32 20.26 12.09
CA ILE F 90 -3.82 21.34 11.23
C ILE F 90 -4.27 21.14 9.80
N SER F 91 -4.66 22.23 9.13
CA SER F 91 -5.13 22.19 7.75
C SER F 91 -4.01 21.82 6.81
N TYR F 92 -4.37 21.57 5.54
CA TYR F 92 -3.40 21.22 4.52
C TYR F 92 -2.69 22.46 4.02
N LYS F 93 -3.46 23.47 3.61
CA LYS F 93 -2.87 24.70 3.12
C LYS F 93 -1.81 25.17 4.12
N LYS F 94 -2.22 25.50 5.35
CA LYS F 94 -1.26 25.93 6.37
C LYS F 94 -0.02 25.02 6.32
N PHE F 95 -0.21 23.75 6.69
CA PHE F 95 0.89 22.79 6.68
C PHE F 95 1.72 22.96 5.43
N ARG F 96 1.05 23.31 4.34
CA ARG F 96 1.77 23.47 3.07
C ARG F 96 2.77 24.60 3.21
N GLN F 97 2.26 25.82 3.37
CA GLN F 97 3.13 26.97 3.52
C GLN F 97 4.18 26.71 4.62
N LEU F 98 3.98 25.62 5.36
CA LEU F 98 4.92 25.23 6.41
C LEU F 98 6.14 24.61 5.74
N ILE F 99 5.88 23.76 4.75
CA ILE F 99 6.96 23.08 4.02
C ILE F 99 7.90 24.06 3.33
N GLN F 100 7.36 25.12 2.71
CA GLN F 100 8.21 26.10 2.04
C GLN F 100 9.21 26.68 3.04
N VAL F 101 8.77 26.87 4.27
CA VAL F 101 9.67 27.38 5.27
C VAL F 101 10.68 26.26 5.43
N ASN F 102 10.26 25.16 6.04
CA ASN F 102 11.18 24.04 6.21
C ASN F 102 10.81 22.84 5.35
N PRO F 103 11.82 22.22 4.74
CA PRO F 103 11.73 21.04 3.87
C PRO F 103 11.73 19.77 4.70
N ASP F 104 12.72 19.70 5.58
CA ASP F 104 12.95 18.59 6.50
C ASP F 104 11.65 17.91 6.95
N ILE F 105 10.66 18.71 7.34
CA ILE F 105 9.41 18.16 7.84
C ILE F 105 8.59 17.45 6.78
N LEU F 106 8.94 17.67 5.52
CA LEU F 106 8.26 17.00 4.43
C LEU F 106 8.95 15.65 4.34
N MET F 107 10.24 15.65 4.71
CA MET F 107 11.09 14.46 4.69
C MET F 107 10.82 13.55 5.87
N ARG F 108 9.72 13.73 6.58
CA ARG F 108 9.45 12.86 7.71
C ARG F 108 8.27 11.94 7.46
N LEU F 109 7.10 12.52 7.22
CA LEU F 109 5.92 11.70 6.96
C LEU F 109 6.16 10.97 5.63
N SER F 110 6.72 11.68 4.65
CA SER F 110 7.01 11.11 3.34
C SER F 110 7.57 9.72 3.58
N ALA F 111 8.43 9.62 4.58
CA ALA F 111 9.00 8.33 4.91
C ALA F 111 7.84 7.48 5.44
N GLN F 112 7.18 7.99 6.49
CA GLN F 112 6.03 7.33 7.11
C GLN F 112 5.20 6.69 6.00
N MET F 113 4.94 7.47 4.95
CA MET F 113 4.20 6.99 3.81
C MET F 113 5.24 6.51 2.82
N ALA F 114 5.73 5.31 3.06
CA ALA F 114 6.72 4.68 2.22
C ALA F 114 6.96 3.42 3.00
N ARG F 115 6.88 3.55 4.32
CA ARG F 115 7.05 2.41 5.20
C ARG F 115 5.72 1.66 5.16
N ARG F 116 4.65 2.40 4.91
CA ARG F 116 3.33 1.79 4.85
C ARG F 116 3.17 1.16 3.47
N LEU F 117 3.52 1.90 2.42
CA LEU F 117 3.44 1.40 1.07
C LEU F 117 4.13 0.06 1.07
N GLN F 118 5.14 -0.08 1.92
CA GLN F 118 5.81 -1.36 2.00
C GLN F 118 4.97 -2.39 2.69
N VAL F 119 4.79 -2.24 4.00
CA VAL F 119 3.98 -3.18 4.79
C VAL F 119 2.76 -3.69 4.00
N THR F 120 1.89 -2.78 3.59
CA THR F 120 0.69 -3.10 2.83
C THR F 120 0.95 -4.05 1.63
N SER F 121 2.08 -3.88 0.95
CA SER F 121 2.41 -4.75 -0.19
C SER F 121 2.55 -6.18 0.34
N GLU F 122 3.12 -6.26 1.54
CA GLU F 122 3.34 -7.53 2.19
C GLU F 122 2.02 -8.06 2.72
N LYS F 123 1.00 -7.21 2.80
CA LYS F 123 -0.31 -7.69 3.28
C LYS F 123 -0.96 -8.40 2.10
N VAL F 124 -0.73 -7.88 0.90
CA VAL F 124 -1.23 -8.50 -0.31
C VAL F 124 -0.32 -9.72 -0.50
N GLY F 125 0.97 -9.53 -0.24
CA GLY F 125 1.86 -10.65 -0.35
C GLY F 125 1.27 -11.70 0.59
N ASN F 126 0.88 -11.24 1.77
CA ASN F 126 0.33 -12.14 2.76
C ASN F 126 -1.06 -12.72 2.57
N LEU F 127 -1.98 -11.91 2.08
CA LEU F 127 -3.35 -12.37 1.88
C LEU F 127 -3.52 -13.31 0.74
N ALA F 128 -2.58 -13.29 -0.22
CA ALA F 128 -2.68 -14.13 -1.42
C ALA F 128 -1.70 -15.29 -1.44
N PHE F 129 -0.65 -15.20 -0.64
CA PHE F 129 0.33 -16.27 -0.59
C PHE F 129 0.25 -17.11 0.71
N LEU F 130 -0.86 -17.00 1.42
CA LEU F 130 -0.93 -17.70 2.68
C LEU F 130 -2.34 -18.12 3.10
N ASP F 131 -2.43 -19.25 3.78
CA ASP F 131 -3.71 -19.71 4.27
C ASP F 131 -3.84 -19.28 5.72
N VAL F 132 -4.99 -18.72 6.05
CA VAL F 132 -5.32 -18.29 7.41
C VAL F 132 -4.34 -18.74 8.56
N THR F 133 -4.02 -20.02 8.66
CA THR F 133 -3.10 -20.42 9.72
C THR F 133 -1.84 -19.57 9.62
N GLY F 134 -1.02 -19.85 8.60
CA GLY F 134 0.22 -19.12 8.44
C GLY F 134 0.09 -17.61 8.48
N ARG F 135 -1.15 -17.11 8.49
CA ARG F 135 -1.37 -15.66 8.48
C ARG F 135 -1.59 -15.13 9.87
N ILE F 136 -2.14 -15.98 10.73
CA ILE F 136 -2.39 -15.62 12.12
C ILE F 136 -1.03 -15.64 12.83
N ALA F 137 -0.18 -16.57 12.42
CA ALA F 137 1.16 -16.66 12.96
C ALA F 137 1.87 -15.35 12.59
N GLN F 138 1.78 -14.93 11.33
CA GLN F 138 2.40 -13.68 10.90
C GLN F 138 1.91 -12.49 11.74
N THR F 139 0.60 -12.40 11.91
CA THR F 139 -0.01 -11.32 12.65
C THR F 139 0.29 -11.30 14.13
N LEU F 140 0.60 -12.45 14.72
CA LEU F 140 0.92 -12.45 16.13
C LEU F 140 2.33 -11.87 16.31
N LEU F 141 3.26 -12.25 15.44
CA LEU F 141 4.62 -11.73 15.52
C LEU F 141 4.62 -10.22 15.36
N ASN F 142 3.97 -9.73 14.31
CA ASN F 142 3.88 -8.29 14.07
C ASN F 142 3.30 -7.49 15.25
N LEU F 143 2.50 -8.17 16.09
CA LEU F 143 1.92 -7.54 17.27
C LEU F 143 2.83 -7.80 18.46
N ALA F 144 3.72 -8.76 18.36
CA ALA F 144 4.64 -9.03 19.45
C ALA F 144 5.71 -7.96 19.31
N LYS F 145 5.73 -7.31 18.15
CA LYS F 145 6.70 -6.27 17.84
C LYS F 145 6.16 -4.94 18.33
N GLN F 146 6.06 -3.98 17.43
CA GLN F 146 5.55 -2.65 17.77
C GLN F 146 4.90 -2.56 19.16
N PRO F 147 5.28 -1.52 19.93
CA PRO F 147 4.87 -1.14 21.29
C PRO F 147 3.59 -1.72 21.87
N ASP F 148 3.38 -1.48 23.16
CA ASP F 148 2.18 -1.95 23.85
C ASP F 148 2.23 -3.44 24.17
N ALA F 149 3.12 -4.17 23.53
CA ALA F 149 3.21 -5.60 23.77
C ALA F 149 3.93 -5.92 25.08
N MET F 150 3.20 -5.86 26.18
CA MET F 150 3.79 -6.11 27.51
C MET F 150 4.67 -7.37 27.62
N THR F 151 5.94 -7.18 28.00
CA THR F 151 6.88 -8.28 28.17
C THR F 151 6.34 -9.27 29.18
N HIS F 152 6.77 -10.52 29.06
CA HIS F 152 6.31 -11.61 29.92
C HIS F 152 7.48 -12.56 30.15
N PRO F 153 7.36 -13.44 31.17
CA PRO F 153 8.44 -14.40 31.46
C PRO F 153 9.10 -15.09 30.25
N ASP F 154 8.32 -15.73 29.38
CA ASP F 154 8.91 -16.43 28.23
C ASP F 154 8.62 -15.84 26.85
N GLY F 155 8.48 -14.52 26.80
CA GLY F 155 8.20 -13.81 25.56
C GLY F 155 7.38 -12.54 25.73
N MET F 156 6.73 -12.11 24.65
CA MET F 156 5.91 -10.92 24.70
C MET F 156 4.45 -11.32 24.90
N GLN F 157 3.66 -10.40 25.44
CA GLN F 157 2.24 -10.60 25.72
C GLN F 157 1.38 -9.65 24.87
N ILE F 158 0.28 -10.15 24.34
CA ILE F 158 -0.59 -9.32 23.51
C ILE F 158 -1.89 -9.14 24.27
N LYS F 159 -2.74 -8.27 23.72
CA LYS F 159 -4.05 -8.00 24.25
C LYS F 159 -4.92 -7.78 23.01
N ILE F 160 -5.55 -8.84 22.54
CA ILE F 160 -6.35 -8.73 21.32
C ILE F 160 -7.46 -9.79 21.29
N THR F 161 -8.60 -9.45 20.70
CA THR F 161 -9.70 -10.39 20.63
C THR F 161 -9.56 -11.18 19.38
N ARG F 162 -9.87 -12.47 19.48
CA ARG F 162 -9.80 -13.41 18.37
C ARG F 162 -10.65 -12.84 17.24
N GLN F 163 -11.78 -12.29 17.64
CA GLN F 163 -12.71 -11.67 16.71
C GLN F 163 -11.99 -10.59 15.91
N GLU F 164 -11.04 -9.95 16.58
CA GLU F 164 -10.22 -8.87 16.06
C GLU F 164 -9.09 -9.37 15.16
N ILE F 165 -8.46 -10.47 15.54
CA ILE F 165 -7.39 -11.04 14.75
C ILE F 165 -8.02 -11.24 13.36
N GLY F 166 -9.17 -11.91 13.39
CA GLY F 166 -9.89 -12.20 12.18
C GLY F 166 -9.94 -11.06 11.21
N GLN F 167 -10.03 -9.85 11.74
CA GLN F 167 -10.11 -8.69 10.88
C GLN F 167 -8.80 -8.32 10.21
N ILE F 168 -7.69 -8.35 10.96
CA ILE F 168 -6.37 -8.02 10.41
C ILE F 168 -6.05 -9.03 9.30
N VAL F 169 -6.26 -10.29 9.66
CA VAL F 169 -6.06 -11.44 8.79
C VAL F 169 -7.02 -11.38 7.61
N GLY F 170 -8.24 -11.84 7.86
CA GLY F 170 -9.26 -11.86 6.83
C GLY F 170 -10.23 -13.00 7.05
N CYS F 171 -10.00 -13.84 8.07
CA CYS F 171 -10.89 -14.96 8.36
C CYS F 171 -12.02 -14.62 9.30
N SER F 172 -12.77 -15.65 9.73
CA SER F 172 -13.91 -15.48 10.62
C SER F 172 -13.61 -15.68 12.10
N ARG F 173 -14.49 -15.15 12.93
CA ARG F 173 -14.35 -15.26 14.37
C ARG F 173 -13.96 -16.69 14.73
N GLU F 174 -14.75 -17.65 14.29
CA GLU F 174 -14.55 -19.07 14.60
C GLU F 174 -13.63 -19.86 13.68
N THR F 175 -12.36 -19.54 13.75
CA THR F 175 -11.33 -20.17 12.95
C THR F 175 -10.14 -19.53 13.66
N VAL F 176 -10.14 -18.20 13.71
CA VAL F 176 -9.10 -17.51 14.42
C VAL F 176 -8.96 -18.25 15.73
N GLY F 177 -10.04 -18.34 16.50
CA GLY F 177 -10.01 -19.03 17.76
C GLY F 177 -9.81 -20.54 17.71
N ARG F 178 -10.24 -21.15 16.61
CA ARG F 178 -10.06 -22.59 16.47
C ARG F 178 -8.60 -22.84 16.13
N ILE F 179 -7.95 -21.87 15.50
CA ILE F 179 -6.52 -21.93 15.12
C ILE F 179 -5.66 -21.73 16.38
N LEU F 180 -5.96 -20.66 17.14
CA LEU F 180 -5.27 -20.33 18.38
C LEU F 180 -5.20 -21.54 19.31
N LYS F 181 -6.28 -22.31 19.39
CA LYS F 181 -6.28 -23.51 20.24
C LYS F 181 -5.23 -24.48 19.66
N MET F 182 -5.25 -24.65 18.34
CA MET F 182 -4.30 -25.54 17.71
C MET F 182 -2.89 -25.08 18.06
N LEU F 183 -2.64 -23.79 17.87
CA LEU F 183 -1.34 -23.25 18.20
C LEU F 183 -1.10 -23.47 19.70
N GLU F 184 -2.14 -23.22 20.50
CA GLU F 184 -2.10 -23.40 21.96
C GLU F 184 -1.58 -24.78 22.31
N ASP F 185 -2.35 -25.77 21.88
CA ASP F 185 -2.07 -27.17 22.06
C ASP F 185 -0.65 -27.49 21.64
N GLN F 186 -0.24 -27.01 20.47
CA GLN F 186 1.12 -27.25 19.95
C GLN F 186 2.24 -26.71 20.83
N ASN F 187 1.97 -25.60 21.51
CA ASN F 187 2.92 -24.91 22.40
C ASN F 187 3.68 -23.80 21.75
N LEU F 188 3.05 -23.17 20.77
CA LEU F 188 3.67 -22.05 20.14
C LEU F 188 3.29 -20.77 20.96
N ILE F 189 2.09 -20.73 21.55
CA ILE F 189 1.65 -19.57 22.35
C ILE F 189 0.96 -19.83 23.71
N SER F 190 -0.13 -19.12 23.98
CA SER F 190 -0.88 -19.24 25.24
C SER F 190 -2.14 -18.42 25.04
N ALA F 191 -3.26 -18.77 25.68
CA ALA F 191 -4.52 -18.03 25.45
C ALA F 191 -5.48 -17.77 26.62
N HIS F 192 -6.14 -16.63 26.60
CA HIS F 192 -7.10 -16.28 27.65
C HIS F 192 -7.44 -14.80 27.52
N GLY F 193 -8.20 -14.44 26.47
CA GLY F 193 -8.57 -13.05 26.22
C GLY F 193 -7.33 -12.17 26.07
N LYS F 194 -6.21 -12.67 26.58
CA LYS F 194 -4.88 -12.06 26.51
C LYS F 194 -3.90 -13.22 26.18
N THR F 195 -3.33 -13.20 24.98
CA THR F 195 -2.47 -14.28 24.53
C THR F 195 -0.98 -14.04 24.59
N ILE F 196 -0.18 -15.06 24.90
CA ILE F 196 1.27 -14.91 25.00
C ILE F 196 1.94 -15.72 23.93
N VAL F 197 2.63 -15.06 23.00
CA VAL F 197 3.28 -15.70 21.85
C VAL F 197 4.60 -16.40 22.12
N VAL F 198 4.59 -17.23 23.16
CA VAL F 198 5.73 -18.04 23.60
C VAL F 198 6.69 -18.24 22.44
P CMP G . 11.94 -0.14 -3.89
O1P CMP G . 11.43 -0.72 -2.63
O2P CMP G . 13.20 0.63 -3.89
O5' CMP G . 12.05 -1.35 -4.94
C5' CMP G . 10.89 -1.90 -5.54
C4' CMP G . 10.01 -0.78 -6.01
O4' CMP G . 8.74 -1.23 -6.52
C3' CMP G . 9.59 0.10 -4.86
O3' CMP G . 10.76 0.75 -4.46
C2' CMP G . 8.50 0.90 -5.51
O2' CMP G . 9.12 1.77 -6.44
C1' CMP G . 7.76 -0.24 -6.23
N9 CMP G . 6.73 -0.83 -5.40
C8 CMP G . 6.83 -1.62 -4.29
N7 CMP G . 5.69 -1.92 -3.74
C5 CMP G . 4.75 -1.29 -4.56
C6 CMP G . 3.34 -1.20 -4.51
N6 CMP G . 2.58 -1.77 -3.57
N1 CMP G . 2.74 -0.49 -5.49
C2 CMP G . 3.48 0.07 -6.45
N3 CMP G . 4.80 0.05 -6.59
C4 CMP G . 5.38 -0.65 -5.60
P CMP H . -6.50 9.65 4.44
O1P CMP H . -6.43 11.12 4.52
O2P CMP H . -6.92 9.01 3.16
O5' CMP H . -7.50 9.11 5.57
C5' CMP H . -7.37 7.77 6.06
C4' CMP H . -5.95 7.55 6.48
O4' CMP H . -5.65 6.18 6.85
C3' CMP H . -5.00 7.73 5.32
O3' CMP H . -5.08 9.07 4.89
C2' CMP H . -3.72 7.23 5.96
O2' CMP H . -3.23 8.10 6.96
C1' CMP H . -4.26 5.98 6.65
N9 CMP H . -4.05 4.82 5.79
C8 CMP H . -4.72 4.43 4.66
N7 CMP H . -4.23 3.34 4.12
C5 CMP H . -3.19 2.98 4.96
C6 CMP H . -2.31 1.92 4.95
N6 CMP H . -2.32 0.97 4.04
N1 CMP H . -1.39 1.84 5.94
C2 CMP H . -1.37 2.79 6.88
N3 CMP H . -2.15 3.86 6.99
C4 CMP H . -3.06 3.89 5.98
#